data_9KZP
#
_entry.id   9KZP
#
loop_
_entity.id
_entity.type
_entity.pdbx_description
1 polymer "DNA (5'-D(*(5CM)P*GP*(5CM)P*AP*(5CM)P*GP*(5CM)P*G)-3')"
2 polymer "RNA (5'-R(*CP*GP*CP*GP*UP*GP*CP*G)-3')"
#
loop_
_entity_poly.entity_id
_entity_poly.type
_entity_poly.pdbx_seq_one_letter_code
_entity_poly.pdbx_strand_id
1 'polydeoxyribonucleotide' (5CM)(DG)(5CM)(DA)(5CM)(DG)(5CM)(DG) D
2 'polyribonucleotide' CGCGUGCG R
#
loop_
_chem_comp.id
_chem_comp.type
_chem_comp.name
_chem_comp.formula
5CM DNA linking 5-METHYL-2'-DEOXY-CYTIDINE-5'-MONOPHOSPHATE 'C10 H16 N3 O7 P'
C RNA linking CYTIDINE-5'-MONOPHOSPHATE 'C9 H14 N3 O8 P'
DA DNA linking 2'-DEOXYADENOSINE-5'-MONOPHOSPHATE 'C10 H14 N5 O6 P'
DG DNA linking 2'-DEOXYGUANOSINE-5'-MONOPHOSPHATE 'C10 H14 N5 O7 P'
G RNA linking GUANOSINE-5'-MONOPHOSPHATE 'C10 H14 N5 O8 P'
U RNA linking URIDINE-5'-MONOPHOSPHATE 'C9 H13 N2 O9 P'
#
# COMPACT_ATOMS: atom_id res chain seq x y z
N1 5CM A 1 5.72 3.31 -10.02
C2 5CM A 1 5.52 4.66 -9.78
N3 5CM A 1 6.53 5.39 -9.23
C4 5CM A 1 7.69 4.79 -8.93
C5 5CM A 1 7.92 3.39 -9.17
C5A 5CM A 1 9.26 2.72 -8.84
C6 5CM A 1 6.89 2.70 -9.71
O2 5CM A 1 4.43 5.17 -10.07
N4 5CM A 1 8.65 5.53 -8.39
C1' 5CM A 1 4.62 2.53 -10.73
C2' 5CM A 1 4.63 2.69 -12.22
C3' 5CM A 1 3.70 1.53 -12.68
C4' 5CM A 1 3.85 0.49 -11.58
O4' 5CM A 1 4.62 1.14 -10.57
O3' 5CM A 1 2.42 2.08 -12.68
C5' 5CM A 1 4.32 -0.99 -11.92
O5' 5CM A 1 5.48 -1.23 -11.16
H5A1 5CM A 1 9.21 1.66 -9.11
H5A2 5CM A 1 9.46 2.82 -7.78
H5A3 5CM A 1 10.06 3.20 -9.41
H6 5CM A 1 7.01 1.63 -9.91
HN41 5CM A 1 9.56 5.11 -8.15
HN42 5CM A 1 8.50 6.54 -8.23
H1' 5CM A 1 3.66 2.90 -10.38
H2' 5CM A 1 4.21 3.65 -12.53
H2'' 5CM A 1 5.61 2.69 -12.70
H3' 5CM A 1 4.00 1.20 -13.67
H4' 5CM A 1 2.87 0.28 -11.13
H5' 5CM A 1 3.63 -1.78 -11.62
H5'' 5CM A 1 4.52 -1.03 -12.99
N1 5CM A 3 0.31 -0.53 -4.98
C2 5CM A 3 1.69 -0.48 -5.06
N3 5CM A 3 2.39 -1.61 -5.37
C4 5CM A 3 1.74 -2.76 -5.57
C5 5CM A 3 0.31 -2.85 -5.49
C5A 5CM A 3 -0.43 -4.17 -5.76
C6 5CM A 3 -0.36 -1.71 -5.19
O2 5CM A 3 2.25 0.62 -4.86
N4 5CM A 3 2.46 -3.84 -5.86
C1' 5CM A 3 -0.49 0.61 -4.67
C2' 5CM A 3 -0.63 1.71 -5.72
C3' 5CM A 3 -2.04 2.22 -5.30
C4' 5CM A 3 -2.76 1.02 -4.74
O4' 5CM A 3 -1.72 0.24 -4.19
O3' 5CM A 3 -1.86 3.20 -4.30
C5' 5CM A 3 -3.50 0.13 -5.81
O5' 5CM A 3 -2.75 0.04 -7.06
P 5CM A 3 -3.44 0.29 -8.42
OP1 5CM A 3 -4.74 -0.58 -8.52
OP2 5CM A 3 -4.01 1.76 -8.53
H5A1 5CM A 3 -1.51 -4.01 -5.65
H5A2 5CM A 3 -0.11 -4.92 -5.04
H5A3 5CM A 3 -0.22 -4.51 -6.77
H6 5CM A 3 -1.45 -1.72 -5.11
HN41 5CM A 3 1.98 -4.74 -6.04
HN42 5CM A 3 3.48 -3.77 -5.93
H1' 5CM A 3 -0.06 1.10 -3.80
H2' 5CM A 3 0.14 2.48 -5.79
H2'' 5CM A 3 -0.67 1.43 -6.77
H3' 5CM A 3 -2.59 2.64 -6.15
H4' 5CM A 3 -3.49 1.29 -3.98
H5' 5CM A 3 -3.69 -0.83 -5.35
H5'' 5CM A 3 -4.45 0.61 -6.03
N1 5CM A 5 -2.26 -0.24 3.71
C2 5CM A 5 -1.08 -0.75 3.19
N3 5CM A 5 -1.14 -1.73 2.25
C4 5CM A 5 -2.33 -2.19 1.84
C5 5CM A 5 -3.57 -1.67 2.36
C5A 5CM A 5 -4.93 -2.18 1.88
C6 5CM A 5 -3.47 -0.69 3.30
O2 5CM A 5 0.00 -0.30 3.60
N4 5CM A 5 -2.35 -3.15 0.92
C1' 5CM A 5 -2.24 0.83 4.75
C2' 5CM A 5 -1.78 2.18 4.34
C3' 5CM A 5 -2.48 3.04 5.39
C4' 5CM A 5 -3.84 2.36 5.67
O4' 5CM A 5 -3.59 1.05 5.15
O3' 5CM A 5 -1.76 3.18 6.64
C5' 5CM A 5 -5.03 3.08 5.07
O5' 5CM A 5 -5.02 2.89 3.67
P 5CM A 5 -5.03 4.11 2.67
OP1 5CM A 5 -5.98 5.25 3.11
OP2 5CM A 5 -3.59 4.66 2.63
H5A1 5CM A 5 -5.73 -1.65 2.39
H5A2 5CM A 5 -5.02 -3.25 2.07
H5A3 5CM A 5 -5.02 -2.02 0.80
H6 5CM A 5 -4.38 -0.28 3.74
HN41 5CM A 5 -3.26 -3.52 0.58
HN42 5CM A 5 -1.47 -3.51 0.54
H1' 5CM A 5 -1.66 0.46 5.60
H2' 5CM A 5 -0.70 2.14 4.19
H2'' 5CM A 5 -2.18 2.33 3.34
H3' 5CM A 5 -2.62 4.06 5.04
H4' 5CM A 5 -3.88 2.33 6.76
H5' 5CM A 5 -5.99 2.75 5.48
H5'' 5CM A 5 -4.99 4.14 5.30
N1 5CM A 7 -2.06 -3.35 10.85
C2 5CM A 7 -2.53 -4.25 9.89
N3 5CM A 7 -3.83 -4.19 9.50
C4 5CM A 7 -4.64 -3.26 10.04
C5 5CM A 7 -4.17 -2.31 11.02
C5A 5CM A 7 -5.10 -1.24 11.61
C6 5CM A 7 -2.87 -2.41 11.39
O2 5CM A 7 -1.74 -5.09 9.43
N4 5CM A 7 -5.90 -3.22 9.62
C1' 5CM A 7 -0.64 -3.39 11.31
C2' 5CM A 7 0.24 -2.39 10.70
C3' 5CM A 7 1.37 -2.45 11.72
C4' 5CM A 7 0.70 -2.59 13.05
O4' 5CM A 7 -0.59 -3.05 12.66
O3' 5CM A 7 2.14 -3.63 11.51
C5' 5CM A 7 0.43 -1.27 13.77
O5' 5CM A 7 -0.23 -0.33 12.96
P 5CM A 7 0.33 1.05 12.75
OP1 5CM A 7 0.84 1.70 14.10
OP2 5CM A 7 1.45 0.94 11.75
H5A1 5CM A 7 -4.55 -0.64 12.33
H5A2 5CM A 7 -5.94 -1.72 12.11
H5A3 5CM A 7 -5.48 -0.60 10.81
H6 5CM A 7 -2.48 -1.73 12.14
HN41 5CM A 7 -6.54 -2.52 10.01
HN42 5CM A 7 -6.23 -3.89 8.91
H1' 5CM A 7 -0.21 -4.39 11.20
H2' 5CM A 7 0.61 -2.61 9.69
H2'' 5CM A 7 -0.25 -1.42 10.57
H3' 5CM A 7 2.06 -1.60 11.75
H4' 5CM A 7 1.19 -3.36 13.65
H5' 5CM A 7 -0.16 -1.30 14.68
H5'' 5CM A 7 1.38 -0.88 14.15
N1 5CM A 1 5.54 3.32 -10.22
C2 5CM A 1 5.29 4.66 -9.95
N3 5CM A 1 6.28 5.43 -9.43
C4 5CM A 1 7.48 4.89 -9.19
C5 5CM A 1 7.77 3.50 -9.46
C5A 5CM A 1 9.16 2.89 -9.19
C6 5CM A 1 6.75 2.76 -9.97
O2 5CM A 1 4.16 5.11 -10.19
N4 5CM A 1 8.42 5.67 -8.69
C1' 5CM A 1 4.47 2.50 -10.83
C2' 5CM A 1 4.50 2.53 -12.35
C3' 5CM A 1 3.62 1.35 -12.69
C4' 5CM A 1 3.75 0.43 -11.47
O4' 5CM A 1 4.59 1.11 -10.56
O3' 5CM A 1 2.27 1.83 -12.75
C5' 5CM A 1 4.32 -0.98 -11.74
O5' 5CM A 1 5.44 -1.23 -10.91
H5A1 5CM A 1 9.15 1.84 -9.47
H5A2 5CM A 1 9.39 2.99 -8.13
H5A3 5CM A 1 9.90 3.43 -9.79
H6 5CM A 1 6.92 1.71 -10.18
HN41 5CM A 1 9.37 5.28 -8.49
HN42 5CM A 1 8.23 6.67 -8.49
H1' 5CM A 1 3.50 2.85 -10.47
H2' 5CM A 1 4.15 3.47 -12.78
H2'' 5CM A 1 5.51 2.37 -12.71
H3' 5CM A 1 3.90 0.88 -13.64
H4' 5CM A 1 2.76 0.32 -11.03
H5' 5CM A 1 3.57 -1.74 -11.51
H5'' 5CM A 1 4.59 -1.13 -12.80
N1 5CM A 3 0.67 -0.50 -4.73
C2 5CM A 3 2.05 -0.40 -4.57
N3 5CM A 3 2.83 -1.46 -4.92
C4 5CM A 3 2.26 -2.57 -5.41
C5 5CM A 3 0.84 -2.69 -5.59
C5A 5CM A 3 0.21 -3.96 -6.17
C6 5CM A 3 0.09 -1.63 -5.22
O2 5CM A 3 2.51 0.65 -4.11
N4 5CM A 3 3.06 -3.58 -5.75
C1' 5CM A 3 -0.17 0.64 -4.34
C2' 5CM A 3 -0.41 1.68 -5.44
C3' 5CM A 3 -1.83 2.15 -5.14
C4' 5CM A 3 -2.50 0.88 -4.59
O4' 5CM A 3 -1.46 0.14 -4.00
O3' 5CM A 3 -1.79 3.11 -4.08
C5' 5CM A 3 -3.20 -0.01 -5.64
O5' 5CM A 3 -2.47 -0.10 -6.87
P 5CM A 3 -3.26 0.19 -8.18
OP1 5CM A 3 -4.45 -0.78 -8.24
OP2 5CM A 3 -3.79 1.64 -8.09
H5A1 5CM A 3 -0.88 -3.84 -6.23
H5A2 5CM A 3 0.45 -4.81 -5.54
H5A3 5CM A 3 0.60 -4.13 -7.17
H6 5CM A 3 -0.99 -1.67 -5.33
HN41 5CM A 3 2.67 -4.44 -6.13
HN42 5CM A 3 4.08 -3.49 -5.63
H1' 5CM A 3 0.24 1.13 -3.46
H2' 5CM A 3 0.32 2.49 -5.41
H2'' 5CM A 3 -0.37 1.22 -6.42
H3' 5CM A 3 -2.34 2.54 -6.02
H4' 5CM A 3 -3.23 1.15 -3.83
H5' 5CM A 3 -3.33 -1.01 -5.23
H5'' 5CM A 3 -4.19 0.39 -5.84
N1 5CM A 5 -2.31 -0.25 3.81
C2 5CM A 5 -1.18 -0.93 3.39
N3 5CM A 5 -1.30 -1.89 2.43
C4 5CM A 5 -2.51 -2.18 1.93
C5 5CM A 5 -3.70 -1.48 2.36
C5A 5CM A 5 -5.08 -1.81 1.75
C6 5CM A 5 -3.54 -0.54 3.31
O2 5CM A 5 -0.08 -0.63 3.89
N4 5CM A 5 -2.59 -3.13 1.01
C1' 5CM A 5 -2.18 0.78 4.85
C2' 5CM A 5 -1.63 2.11 4.33
C3' 5CM A 5 -2.18 3.12 5.33
C4' 5CM A 5 -3.49 2.48 5.77
O4' 5CM A 5 -3.43 1.12 5.41
O3' 5CM A 5 -1.33 3.18 6.48
C5' 5CM A 5 -4.71 3.11 5.09
O5' 5CM A 5 -4.74 2.74 3.71
P 5CM A 5 -4.69 3.85 2.62
OP1 5CM A 5 -5.57 5.02 3.09
OP2 5CM A 5 -3.24 4.37 2.44
H5A1 5CM A 5 -5.83 -1.17 2.21
H5A2 5CM A 5 -5.32 -2.85 1.94
H5A3 5CM A 5 -5.06 -1.63 0.68
H6 5CM A 5 -4.41 0.01 3.68
HN41 5CM A 5 -3.51 -3.37 0.60
HN42 5CM A 5 -1.74 -3.62 0.69
H1' 5CM A 5 -1.52 0.43 5.65
H2' 5CM A 5 -0.53 2.13 4.26
H2'' 5CM A 5 -2.03 2.31 3.34
H3' 5CM A 5 -2.30 4.10 4.90
H4' 5CM A 5 -3.60 2.57 6.86
H5' 5CM A 5 -5.64 2.78 5.56
H5'' 5CM A 5 -4.66 4.20 5.18
N1 5CM A 7 -2.06 -3.36 10.83
C2 5CM A 7 -2.55 -4.19 9.85
N3 5CM A 7 -3.87 -4.10 9.50
C4 5CM A 7 -4.66 -3.20 10.10
C5 5CM A 7 -4.16 -2.33 11.13
C5A 5CM A 7 -5.06 -1.29 11.82
C6 5CM A 7 -2.86 -2.44 11.46
O2 5CM A 7 -1.78 -4.99 9.31
N4 5CM A 7 -5.93 -3.14 9.73
C1' 5CM A 7 -0.64 -3.45 11.22
C2' 5CM A 7 0.26 -2.54 10.41
C3' 5CM A 7 1.49 -2.46 11.28
C4' 5CM A 7 0.92 -2.56 12.70
O4' 5CM A 7 -0.43 -2.99 12.53
O3' 5CM A 7 2.29 -3.62 11.03
C5' 5CM A 7 0.90 -1.22 13.44
O5' 5CM A 7 0.03 -0.29 12.78
P 5CM A 7 0.53 1.13 12.49
OP1 5CM A 7 1.32 1.66 13.71
OP2 5CM A 7 1.48 1.04 11.27
H5A1 5CM A 7 -4.49 -0.73 12.55
H5A2 5CM A 7 -5.90 -1.80 12.31
H5A3 5CM A 7 -5.46 -0.60 11.07
H6 5CM A 7 -2.44 -1.81 12.25
HN41 5CM A 7 -6.56 -2.46 10.18
HN42 5CM A 7 -6.28 -3.75 8.99
H1' 5CM A 7 -0.30 -4.48 11.16
H2' 5CM A 7 0.47 -2.90 9.41
H2'' 5CM A 7 -0.21 -1.55 10.32
H3' 5CM A 7 2.09 -1.56 11.11
H4' 5CM A 7 1.47 -3.29 13.28
H5' 5CM A 7 0.55 -1.33 14.46
H5'' 5CM A 7 1.91 -0.80 13.49
N1 5CM A 1 5.60 3.22 -10.14
C2 5CM A 1 5.34 4.54 -9.82
N3 5CM A 1 6.34 5.31 -9.28
C4 5CM A 1 7.55 4.77 -9.07
C5 5CM A 1 7.84 3.40 -9.42
C5A 5CM A 1 9.24 2.80 -9.19
C6 5CM A 1 6.83 2.67 -9.93
O2 5CM A 1 4.21 5.00 -10.02
N4 5CM A 1 8.50 5.54 -8.55
C1' 5CM A 1 4.54 2.41 -10.76
C2' 5CM A 1 4.60 2.43 -12.29
C3' 5CM A 1 3.71 1.25 -12.64
C4' 5CM A 1 3.82 0.33 -11.41
O4' 5CM A 1 4.65 1.03 -10.50
O3' 5CM A 1 2.36 1.72 -12.71
C5' 5CM A 1 4.39 -1.07 -11.68
O5' 5CM A 1 5.43 -1.35 -10.76
H5A1 5CM A 1 9.24 1.76 -9.52
H5A2 5CM A 1 9.49 2.85 -8.13
H5A3 5CM A 1 9.97 3.36 -9.77
H6 5CM A 1 6.99 1.63 -10.19
HN41 5CM A 1 9.43 5.16 -8.39
HN42 5CM A 1 8.28 6.52 -8.32
H1' 5CM A 1 3.56 2.75 -10.43
H2' 5CM A 1 4.26 3.36 -12.73
H2'' 5CM A 1 5.61 2.24 -12.63
H3' 5CM A 1 4.00 0.78 -13.57
H4' 5CM A 1 2.83 0.25 -10.98
H5' 5CM A 1 3.60 -1.82 -11.53
H5'' 5CM A 1 4.72 -1.20 -12.70
N1 5CM A 3 0.68 -0.51 -4.72
C2 5CM A 3 2.06 -0.43 -4.57
N3 5CM A 3 2.82 -1.50 -4.92
C4 5CM A 3 2.24 -2.60 -5.41
C5 5CM A 3 0.82 -2.70 -5.58
C5A 5CM A 3 0.16 -3.96 -6.17
C6 5CM A 3 0.08 -1.62 -5.22
O2 5CM A 3 2.55 0.61 -4.10
N4 5CM A 3 3.02 -3.62 -5.75
C1' 5CM A 3 -0.14 0.65 -4.33
C2' 5CM A 3 -0.37 1.70 -5.42
C3' 5CM A 3 -1.79 2.18 -5.14
C4' 5CM A 3 -2.46 0.92 -4.60
O4' 5CM A 3 -1.43 0.18 -3.99
O3' 5CM A 3 -1.75 3.16 -4.09
C5' 5CM A 3 -3.15 0.03 -5.64
O5' 5CM A 3 -2.40 -0.10 -6.86
P 5CM A 3 -3.21 0.03 -8.20
OP1 5CM A 3 -4.28 -1.09 -8.21
OP2 5CM A 3 -3.91 1.40 -8.19
H5A1 5CM A 3 -0.92 -3.81 -6.22
H5A2 5CM A 3 0.38 -4.81 -5.53
H5A3 5CM A 3 0.55 -4.14 -7.18
H6 5CM A 3 -1.00 -1.65 -5.32
HN41 5CM A 3 2.61 -4.48 -6.13
HN42 5CM A 3 4.03 -3.56 -5.63
H1' 5CM A 3 0.28 1.13 -3.44
H2' 5CM A 3 0.36 2.51 -5.38
H2'' 5CM A 3 -0.32 1.25 -6.41
H3' 5CM A 3 -2.28 2.57 -6.02
H4' 5CM A 3 -3.20 1.19 -3.84
H5' 5CM A 3 -3.32 -0.97 -5.23
H5'' 5CM A 3 -4.13 0.44 -5.87
N1 5CM A 5 -2.34 -0.37 3.84
C2 5CM A 5 -1.20 -1.05 3.42
N3 5CM A 5 -1.30 -2.00 2.45
C4 5CM A 5 -2.52 -2.28 1.92
C5 5CM A 5 -3.70 -1.59 2.34
C5A 5CM A 5 -5.08 -1.91 1.72
C6 5CM A 5 -3.56 -0.65 3.31
O2 5CM A 5 -0.12 -0.75 3.93
N4 5CM A 5 -2.58 -3.22 0.99
C1' 5CM A 5 -2.23 0.65 4.89
C2' 5CM A 5 -1.63 1.96 4.41
C3' 5CM A 5 -2.20 2.98 5.37
C4' 5CM A 5 -3.54 2.37 5.77
O4' 5CM A 5 -3.50 1.01 5.41
O3' 5CM A 5 -1.39 3.06 6.53
C5' 5CM A 5 -4.71 3.03 5.06
O5' 5CM A 5 -4.69 2.67 3.68
P 5CM A 5 -4.58 3.78 2.59
OP1 5CM A 5 -5.43 4.98 3.06
OP2 5CM A 5 -3.10 4.25 2.44
H5A1 5CM A 5 -5.84 -1.28 2.18
H5A2 5CM A 5 -5.32 -2.95 1.89
H5A3 5CM A 5 -5.05 -1.71 0.65
H6 5CM A 5 -4.44 -0.12 3.66
HN41 5CM A 5 -3.48 -3.46 0.56
HN42 5CM A 5 -1.72 -3.70 0.68
H1' 5CM A 5 -1.60 0.28 5.71
H2' 5CM A 5 -0.53 1.95 4.40
H2'' 5CM A 5 -1.96 2.17 3.39
H3' 5CM A 5 -2.30 3.97 4.92
H4' 5CM A 5 -3.68 2.45 6.85
H5' 5CM A 5 -5.67 2.71 5.49
H5'' 5CM A 5 -4.66 4.12 5.19
N1 5CM A 7 -2.14 -3.35 10.90
C2 5CM A 7 -2.65 -4.20 9.92
N3 5CM A 7 -3.97 -4.09 9.57
C4 5CM A 7 -4.75 -3.18 10.19
C5 5CM A 7 -4.23 -2.30 11.19
C5A 5CM A 7 -5.13 -1.25 11.88
C6 5CM A 7 -2.92 -2.44 11.52
O2 5CM A 7 -1.89 -5.02 9.38
N4 5CM A 7 -6.02 -3.11 9.82
C1' 5CM A 7 -0.73 -3.47 11.26
C2' 5CM A 7 0.19 -2.58 10.42
C3' 5CM A 7 1.42 -2.51 11.30
C4' 5CM A 7 0.84 -2.57 12.72
O4' 5CM A 7 -0.50 -2.99 12.57
O3' 5CM A 7 2.19 -3.68 11.06
C5' 5CM A 7 0.85 -1.22 13.44
O5' 5CM A 7 0.00 -0.29 12.76
P 5CM A 7 0.52 1.16 12.56
OP1 5CM A 7 1.16 1.64 13.89
OP2 5CM A 7 1.61 1.11 11.45
H5A1 5CM A 7 -4.54 -0.69 12.61
H5A2 5CM A 7 -5.95 -1.75 12.38
H5A3 5CM A 7 -5.52 -0.57 11.13
H6 5CM A 7 -2.49 -1.80 12.29
HN41 5CM A 7 -6.64 -2.42 10.28
HN42 5CM A 7 -6.38 -3.74 9.09
H1' 5CM A 7 -0.40 -4.51 11.21
H2' 5CM A 7 0.38 -2.99 9.43
H2'' 5CM A 7 -0.26 -1.59 10.31
H3' 5CM A 7 2.02 -1.62 11.11
H4' 5CM A 7 1.38 -3.29 13.30
H5' 5CM A 7 0.46 -1.32 14.45
H5'' 5CM A 7 1.87 -0.83 13.51
N1 5CM A 1 5.63 3.24 -10.10
C2 5CM A 1 5.40 4.56 -9.75
N3 5CM A 1 6.41 5.29 -9.20
C4 5CM A 1 7.61 4.71 -8.99
C5 5CM A 1 7.87 3.35 -9.37
C5A 5CM A 1 9.25 2.71 -9.15
C6 5CM A 1 6.84 2.66 -9.91
O2 5CM A 1 4.28 5.05 -9.95
N4 5CM A 1 8.57 5.46 -8.45
C1' 5CM A 1 4.55 2.48 -10.76
C2' 5CM A 1 4.65 2.50 -12.28
C3' 5CM A 1 3.74 1.34 -12.66
C4' 5CM A 1 3.77 0.43 -11.42
O4' 5CM A 1 4.62 1.09 -10.49
O3' 5CM A 1 2.41 1.83 -12.82
C5' 5CM A 1 4.28 -1.00 -11.66
O5' 5CM A 1 5.34 -1.30 -10.77
H5A1 5CM A 1 9.23 1.68 -9.49
H5A2 5CM A 1 9.50 2.73 -8.09
H5A3 5CM A 1 10.00 3.28 -9.72
H6 5CM A 1 6.99 1.62 -10.19
HN41 5CM A 1 9.50 5.04 -8.29
HN42 5CM A 1 8.39 6.44 -8.20
H1' 5CM A 1 3.58 2.85 -10.43
H2' 5CM A 1 4.34 3.44 -12.73
H2'' 5CM A 1 5.67 2.28 -12.60
H3' 5CM A 1 4.08 0.85 -13.57
H4' 5CM A 1 2.77 0.40 -11.02
H5' 5CM A 1 3.48 -1.72 -11.49
H5'' 5CM A 1 4.60 -1.17 -12.70
N1 5CM A 3 0.65 -0.50 -4.77
C2 5CM A 3 2.03 -0.47 -4.58
N3 5CM A 3 2.79 -1.54 -4.92
C4 5CM A 3 2.20 -2.63 -5.43
C5 5CM A 3 0.78 -2.70 -5.66
C5A 5CM A 3 0.12 -3.95 -6.27
C6 5CM A 3 0.05 -1.61 -5.29
O2 5CM A 3 2.53 0.57 -4.10
N4 5CM A 3 2.97 -3.66 -5.76
C1' 5CM A 3 -0.16 0.65 -4.38
C2' 5CM A 3 -0.38 1.72 -5.46
C3' 5CM A 3 -1.81 2.20 -5.18
C4' 5CM A 3 -2.48 0.93 -4.66
O4' 5CM A 3 -1.45 0.17 -4.07
O3' 5CM A 3 -1.77 3.15 -4.11
C5' 5CM A 3 -3.16 0.06 -5.72
O5' 5CM A 3 -2.42 -0.03 -6.95
P 5CM A 3 -3.23 0.01 -8.28
OP1 5CM A 3 -4.15 -1.23 -8.31
OP2 5CM A 3 -4.10 1.29 -8.27
H5A1 5CM A 3 -0.96 -3.78 -6.35
H5A2 5CM A 3 0.53 -4.13 -7.26
H5A3 5CM A 3 0.31 -4.81 -5.62
H6 5CM A 3 -1.03 -1.62 -5.43
HN41 5CM A 3 2.55 -4.51 -6.16
HN42 5CM A 3 3.99 -3.61 -5.61
H1' 5CM A 3 0.25 1.12 -3.49
H2' 5CM A 3 0.35 2.53 -5.40
H2'' 5CM A 3 -0.33 1.28 -6.45
H3' 5CM A 3 -2.30 2.61 -6.06
H4' 5CM A 3 -3.21 1.17 -3.89
H5' 5CM A 3 -3.32 -0.95 -5.34
H5'' 5CM A 3 -4.15 0.46 -5.94
N1 5CM A 5 -2.33 -0.44 3.83
C2 5CM A 5 -1.20 -1.12 3.42
N3 5CM A 5 -1.30 -2.06 2.45
C4 5CM A 5 -2.50 -2.31 1.88
C5 5CM A 5 -3.69 -1.60 2.29
C5A 5CM A 5 -5.04 -1.88 1.63
C6 5CM A 5 -3.54 -0.68 3.27
O2 5CM A 5 -0.11 -0.86 3.97
N4 5CM A 5 -2.56 -3.23 0.92
C1' 5CM A 5 -2.22 0.58 4.90
C2' 5CM A 5 -1.62 1.89 4.44
C3' 5CM A 5 -2.21 2.92 5.39
C4' 5CM A 5 -3.56 2.29 5.77
O4' 5CM A 5 -3.51 0.93 5.41
O3' 5CM A 5 -1.44 3.04 6.56
C5' 5CM A 5 -4.73 2.95 5.04
O5' 5CM A 5 -4.66 2.63 3.66
P 5CM A 5 -4.52 3.74 2.58
OP1 5CM A 5 -5.35 4.95 3.06
OP2 5CM A 5 -3.04 4.19 2.42
H5A1 5CM A 5 -5.81 -1.24 2.07
H5A2 5CM A 5 -5.31 -2.93 1.77
H5A3 5CM A 5 -4.98 -1.67 0.56
H6 5CM A 5 -4.42 -0.14 3.62
HN41 5CM A 5 -3.46 -3.44 0.48
HN42 5CM A 5 -1.70 -3.71 0.63
H1' 5CM A 5 -1.62 0.19 5.72
H2' 5CM A 5 -0.52 1.88 4.47
H2'' 5CM A 5 -1.92 2.10 3.41
H3' 5CM A 5 -2.31 3.89 4.91
H4' 5CM A 5 -3.71 2.37 6.85
H5' 5CM A 5 -5.68 2.61 5.43
H5'' 5CM A 5 -4.69 4.04 5.18
N1 5CM A 7 -2.24 -3.37 10.95
C2 5CM A 7 -2.78 -4.20 9.98
N3 5CM A 7 -4.10 -4.09 9.66
C4 5CM A 7 -4.86 -3.19 10.30
C5 5CM A 7 -4.33 -2.31 11.31
C5A 5CM A 7 -5.21 -1.27 12.02
C6 5CM A 7 -3.01 -2.45 11.61
O2 5CM A 7 -2.03 -5.02 9.43
N4 5CM A 7 -6.15 -3.11 9.96
C1' 5CM A 7 -0.82 -3.48 11.31
C2' 5CM A 7 0.08 -2.60 10.45
C3' 5CM A 7 1.33 -2.53 11.32
C4' 5CM A 7 0.76 -2.59 12.74
O4' 5CM A 7 -0.58 -3.02 12.61
O3' 5CM A 7 2.09 -3.70 11.07
C5' 5CM A 7 0.77 -1.25 13.46
O5' 5CM A 7 -0.04 -0.31 12.78
P 5CM A 7 0.51 1.12 12.55
OP1 5CM A 7 1.14 1.62 13.87
OP2 5CM A 7 1.60 1.04 11.46
H5A1 5CM A 7 -4.61 -0.72 12.74
H5A2 5CM A 7 -6.03 -1.78 12.54
H5A3 5CM A 7 -5.62 -0.58 11.28
H6 5CM A 7 -2.57 -1.82 12.38
HN41 5CM A 7 -6.76 -2.44 10.43
HN42 5CM A 7 -6.52 -3.73 9.24
H1' 5CM A 7 -0.50 -4.53 11.24
H2' 5CM A 7 0.27 -3.00 9.46
H2'' 5CM A 7 -0.36 -1.61 10.35
H3' 5CM A 7 1.94 -1.64 11.14
H4' 5CM A 7 1.31 -3.32 13.33
H5' 5CM A 7 0.38 -1.34 14.48
H5'' 5CM A 7 1.80 -0.87 13.56
N1 5CM A 1 5.69 3.23 -10.00
C2 5CM A 1 5.47 4.54 -9.63
N3 5CM A 1 6.46 5.25 -9.04
C4 5CM A 1 7.64 4.67 -8.82
C5 5CM A 1 7.92 3.32 -9.20
C5A 5CM A 1 9.29 2.67 -8.96
C6 5CM A 1 6.90 2.64 -9.78
O2 5CM A 1 4.34 5.03 -9.87
N4 5CM A 1 8.60 5.41 -8.25
C1' 5CM A 1 4.64 2.47 -10.68
C2' 5CM A 1 4.73 2.51 -12.21
C3' 5CM A 1 3.83 1.35 -12.60
C4' 5CM A 1 3.85 0.43 -11.37
O4' 5CM A 1 4.69 1.08 -10.43
O3' 5CM A 1 2.50 1.83 -12.78
C5' 5CM A 1 4.36 -1.00 -11.62
O5' 5CM A 1 5.40 -1.30 -10.71
H5A1 5CM A 1 9.27 1.64 -9.32
H5A2 5CM A 1 9.51 2.68 -7.89
H5A3 5CM A 1 10.06 3.23 -9.50
H6 5CM A 1 7.05 1.59 -10.07
HN41 5CM A 1 9.53 5.00 -8.07
HN42 5CM A 1 8.41 6.39 -7.99
H1' 5CM A 1 3.65 2.83 -10.36
H2' 5CM A 1 4.42 3.45 -12.65
H2'' 5CM A 1 5.76 2.31 -12.52
H3' 5CM A 1 4.19 0.86 -13.51
H4' 5CM A 1 2.85 0.39 -10.97
H5' 5CM A 1 3.55 -1.72 -11.47
H5'' 5CM A 1 4.71 -1.15 -12.66
N1 5CM A 3 0.65 -0.47 -4.79
C2 5CM A 3 2.02 -0.40 -4.59
N3 5CM A 3 2.80 -1.46 -4.91
C4 5CM A 3 2.23 -2.57 -5.43
C5 5CM A 3 0.82 -2.66 -5.66
C5A 5CM A 3 0.17 -3.92 -6.26
C6 5CM A 3 0.07 -1.58 -5.32
O2 5CM A 3 2.50 0.64 -4.11
N4 5CM A 3 3.02 -3.59 -5.75
C1' 5CM A 3 -0.20 0.69 -4.42
C2' 5CM A 3 -0.44 1.74 -5.49
C3' 5CM A 3 -1.87 2.19 -5.20
C4' 5CM A 3 -2.51 0.90 -4.70
O4' 5CM A 3 -1.46 0.18 -4.08
O3' 5CM A 3 -1.85 3.14 -4.13
C5' 5CM A 3 -3.16 0.01 -5.75
O5' 5CM A 3 -2.40 -0.07 -6.97
P 5CM A 3 -3.19 -0.04 -8.31
OP1 5CM A 3 -4.09 -1.31 -8.36
OP2 5CM A 3 -4.11 1.21 -8.30
H5A1 5CM A 3 -0.90 -3.78 -6.35
H5A2 5CM A 3 0.60 -4.10 -7.25
H5A3 5CM A 3 0.38 -4.77 -5.62
H6 5CM A 3 -1.02 -1.61 -5.46
HN41 5CM A 3 2.61 -4.45 -6.14
HN42 5CM A 3 4.04 -3.52 -5.58
H1' 5CM A 3 0.22 1.17 -3.53
H2' 5CM A 3 0.28 2.56 -5.45
H2'' 5CM A 3 -0.38 1.30 -6.49
H3' 5CM A 3 -2.38 2.61 -6.08
H4' 5CM A 3 -3.26 1.13 -3.93
H5' 5CM A 3 -3.30 -1.00 -5.36
H5'' 5CM A 3 -4.16 0.38 -5.98
N1 5CM A 5 -2.31 -0.47 3.84
C2 5CM A 5 -1.17 -1.16 3.45
N3 5CM A 5 -1.27 -2.10 2.47
C4 5CM A 5 -2.45 -2.33 1.89
C5 5CM A 5 -3.64 -1.63 2.27
C5A 5CM A 5 -5.00 -1.90 1.59
C6 5CM A 5 -3.52 -0.71 3.26
O2 5CM A 5 -0.10 -0.91 4.01
N4 5CM A 5 -2.50 -3.25 0.92
C1' 5CM A 5 -2.21 0.54 4.91
C2' 5CM A 5 -1.61 1.86 4.44
C3' 5CM A 5 -2.23 2.88 5.38
C4' 5CM A 5 -3.56 2.25 5.76
O4' 5CM A 5 -3.50 0.88 5.41
O3' 5CM A 5 -1.45 2.99 6.56
C5' 5CM A 5 -4.73 2.89 5.01
O5' 5CM A 5 -4.65 2.55 3.62
P 5CM A 5 -4.53 3.67 2.55
OP1 5CM A 5 -5.36 4.89 3.04
OP2 5CM A 5 -3.06 4.12 2.37
H5A1 5CM A 5 -5.76 -1.25 2.03
H5A2 5CM A 5 -5.28 -2.94 1.73
H5A3 5CM A 5 -4.92 -1.68 0.52
H6 5CM A 5 -4.39 -0.17 3.59
HN41 5CM A 5 -3.41 -3.46 0.47
HN42 5CM A 5 -1.66 -3.76 0.64
H1' 5CM A 5 -1.60 0.16 5.73
H2' 5CM A 5 -0.51 1.85 4.48
H2'' 5CM A 5 -1.91 2.05 3.41
H3' 5CM A 5 -2.33 3.84 4.90
H4' 5CM A 5 -3.73 2.34 6.83
H5' 5CM A 5 -5.69 2.53 5.40
H5'' 5CM A 5 -4.71 3.97 5.14
N1 5CM A 7 -2.32 -3.36 11.01
C2 5CM A 7 -2.86 -4.19 10.03
N3 5CM A 7 -4.18 -4.08 9.73
C4 5CM A 7 -4.94 -3.17 10.37
C5 5CM A 7 -4.39 -2.31 11.38
C5A 5CM A 7 -5.27 -1.26 12.09
C6 5CM A 7 -3.08 -2.45 11.66
O2 5CM A 7 -2.11 -5.00 9.46
N4 5CM A 7 -6.22 -3.10 10.04
C1' 5CM A 7 -0.89 -3.48 11.34
C2' 5CM A 7 0.02 -2.59 10.51
C3' 5CM A 7 1.25 -2.52 11.37
C4' 5CM A 7 0.69 -2.60 12.80
O4' 5CM A 7 -0.65 -3.04 12.66
O3' 5CM A 7 2.03 -3.70 11.12
C5' 5CM A 7 0.68 -1.26 13.53
O5' 5CM A 7 -0.12 -0.31 12.80
P 5CM A 7 0.46 1.11 12.60
OP1 5CM A 7 1.08 1.61 13.92
OP2 5CM A 7 1.56 1.01 11.51
H5A1 5CM A 7 -4.66 -0.71 12.82
H5A2 5CM A 7 -6.09 -1.77 12.62
H5A3 5CM A 7 -5.68 -0.57 11.37
H6 5CM A 7 -2.63 -1.82 12.43
HN41 5CM A 7 -6.84 -2.42 10.51
HN42 5CM A 7 -6.60 -3.71 9.31
H1' 5CM A 7 -0.57 -4.52 11.27
H2' 5CM A 7 0.21 -2.99 9.51
H2'' 5CM A 7 -0.42 -1.60 10.41
H3' 5CM A 7 1.86 -1.64 11.20
H4' 5CM A 7 1.24 -3.33 13.38
H5' 5CM A 7 0.26 -1.35 14.52
H5'' 5CM A 7 1.69 -0.89 13.64
N1 5CM A 1 5.74 3.24 -9.97
C2 5CM A 1 5.51 4.54 -9.59
N3 5CM A 1 6.51 5.26 -9.00
C4 5CM A 1 7.71 4.68 -8.78
C5 5CM A 1 7.97 3.32 -9.17
C5A 5CM A 1 9.35 2.68 -8.95
C6 5CM A 1 6.95 2.64 -9.75
O2 5CM A 1 4.39 5.03 -9.80
N4 5CM A 1 8.65 5.41 -8.22
C1' 5CM A 1 4.67 2.49 -10.64
C2' 5CM A 1 4.76 2.54 -12.16
C3' 5CM A 1 3.89 1.38 -12.57
C4' 5CM A 1 3.90 0.45 -11.35
O4' 5CM A 1 4.74 1.10 -10.40
O3' 5CM A 1 2.55 1.85 -12.75
C5' 5CM A 1 4.40 -0.98 -11.61
O5' 5CM A 1 5.43 -1.31 -10.69
H5A1 5CM A 1 9.33 1.66 -9.32
H5A2 5CM A 1 9.58 2.68 -7.88
H5A3 5CM A 1 10.11 3.24 -9.48
H6 5CM A 1 7.11 1.61 -10.06
HN41 5CM A 1 9.58 5.00 -8.04
HN42 5CM A 1 8.46 6.38 -7.94
H1' 5CM A 1 3.70 2.84 -10.32
H2' 5CM A 1 4.45 3.48 -12.59
H2'' 5CM A 1 5.79 2.36 -12.48
H3' 5CM A 1 4.25 0.90 -13.49
H4' 5CM A 1 2.89 0.41 -10.96
H5' 5CM A 1 3.59 -1.69 -11.47
H5'' 5CM A 1 4.76 -1.12 -12.64
N1 5CM A 3 0.64 -0.46 -4.79
C2 5CM A 3 2.01 -0.41 -4.57
N3 5CM A 3 2.78 -1.48 -4.89
C4 5CM A 3 2.21 -2.57 -5.43
C5 5CM A 3 0.80 -2.65 -5.67
C5A 5CM A 3 0.16 -3.89 -6.31
C6 5CM A 3 0.05 -1.57 -5.33
O2 5CM A 3 2.49 0.63 -4.07
N4 5CM A 3 3.00 -3.59 -5.73
C1' 5CM A 3 -0.19 0.69 -4.42
C2' 5CM A 3 -0.43 1.76 -5.49
C3' 5CM A 3 -1.86 2.21 -5.22
C4' 5CM A 3 -2.51 0.92 -4.72
O4' 5CM A 3 -1.48 0.19 -4.11
O3' 5CM A 3 -1.84 3.15 -4.14
C5' 5CM A 3 -3.16 0.04 -5.79
O5' 5CM A 3 -2.39 -0.04 -7.00
P 5CM A 3 -3.17 -0.04 -8.34
OP1 5CM A 3 -4.03 -1.33 -8.40
OP2 5CM A 3 -4.11 1.18 -8.35
H5A1 5CM A 3 -0.92 -3.74 -6.41
H5A2 5CM A 3 0.60 -4.07 -7.29
H5A3 5CM A 3 0.34 -4.76 -5.67
H6 5CM A 3 -1.02 -1.58 -5.49
HN41 5CM A 3 2.59 -4.45 -6.15
HN42 5CM A 3 4.01 -3.54 -5.56
H1' 5CM A 3 0.20 1.16 -3.53
H2' 5CM A 3 0.30 2.57 -5.44
H2'' 5CM A 3 -0.35 1.32 -6.48
H3' 5CM A 3 -2.35 2.63 -6.09
H4' 5CM A 3 -3.26 1.15 -3.97
H5' 5CM A 3 -3.30 -0.98 -5.41
H5'' 5CM A 3 -4.15 0.41 -6.03
N1 5CM A 5 -2.31 -0.49 3.83
C2 5CM A 5 -1.17 -1.16 3.43
N3 5CM A 5 -1.25 -2.10 2.45
C4 5CM A 5 -2.45 -2.36 1.89
C5 5CM A 5 -3.65 -1.67 2.29
C5A 5CM A 5 -5.00 -1.97 1.63
C6 5CM A 5 -3.52 -0.76 3.28
O2 5CM A 5 -0.09 -0.88 3.98
N4 5CM A 5 -2.50 -3.28 0.93
C1' 5CM A 5 -2.21 0.52 4.90
C2' 5CM A 5 -1.61 1.84 4.43
C3' 5CM A 5 -2.23 2.86 5.36
C4' 5CM A 5 -3.57 2.24 5.74
O4' 5CM A 5 -3.50 0.86 5.40
O3' 5CM A 5 -1.46 2.99 6.55
C5' 5CM A 5 -4.74 2.86 4.99
O5' 5CM A 5 -4.67 2.51 3.61
P 5CM A 5 -4.56 3.59 2.50
OP1 5CM A 5 -5.39 4.82 2.98
OP2 5CM A 5 -3.09 4.04 2.32
H5A1 5CM A 5 -5.77 -1.34 2.08
H5A2 5CM A 5 -5.26 -3.01 1.78
H5A3 5CM A 5 -4.94 -1.75 0.56
H6 5CM A 5 -4.40 -0.22 3.62
HN41 5CM A 5 -3.40 -3.50 0.48
HN42 5CM A 5 -1.64 -3.76 0.64
H1' 5CM A 5 -1.60 0.14 5.72
H2' 5CM A 5 -0.53 1.84 4.47
H2'' 5CM A 5 -1.91 2.03 3.40
H3' 5CM A 5 -2.33 3.83 4.88
H4' 5CM A 5 -3.73 2.33 6.81
H5' 5CM A 5 -5.70 2.54 5.38
H5'' 5CM A 5 -4.71 3.95 5.10
N1 5CM A 7 -2.33 -3.34 11.02
C2 5CM A 7 -2.88 -4.17 10.05
N3 5CM A 7 -4.20 -4.06 9.74
C4 5CM A 7 -4.95 -3.15 10.39
C5 5CM A 7 -4.41 -2.28 11.38
C5A 5CM A 7 -5.29 -1.23 12.11
C6 5CM A 7 -3.10 -2.43 11.68
O2 5CM A 7 -2.14 -5.00 9.49
N4 5CM A 7 -6.24 -3.07 10.06
C1' 5CM A 7 -0.92 -3.47 11.36
C2' 5CM A 7 -0.01 -2.58 10.52
C3' 5CM A 7 1.23 -2.51 11.38
C4' 5CM A 7 0.67 -2.59 12.80
O4' 5CM A 7 -0.67 -3.02 12.68
O3' 5CM A 7 2.00 -3.68 11.12
C5' 5CM A 7 0.65 -1.24 13.53
O5' 5CM A 7 -0.13 -0.29 12.82
P 5CM A 7 0.45 1.12 12.60
OP1 5CM A 7 1.05 1.63 13.93
OP2 5CM A 7 1.55 1.03 11.53
H5A1 5CM A 7 -4.68 -0.69 12.82
H5A2 5CM A 7 -6.10 -1.73 12.63
H5A3 5CM A 7 -5.70 -0.55 11.37
H6 5CM A 7 -2.64 -1.80 12.44
HN41 5CM A 7 -6.85 -2.39 10.53
HN42 5CM A 7 -6.63 -3.69 9.33
H1' 5CM A 7 -0.59 -4.51 11.28
H2' 5CM A 7 0.19 -2.98 9.53
H2'' 5CM A 7 -0.45 -1.59 10.41
H3' 5CM A 7 1.84 -1.63 11.20
H4' 5CM A 7 1.22 -3.31 13.40
H5' 5CM A 7 0.23 -1.33 14.52
H5'' 5CM A 7 1.68 -0.86 13.64
N1 5CM A 1 5.81 3.24 -9.93
C2 5CM A 1 5.59 4.55 -9.56
N3 5CM A 1 6.58 5.26 -8.95
C4 5CM A 1 7.77 4.66 -8.72
C5 5CM A 1 8.02 3.30 -9.10
C5A 5CM A 1 9.39 2.64 -8.86
C6 5CM A 1 7.00 2.63 -9.70
O2 5CM A 1 4.47 5.05 -9.79
N4 5CM A 1 8.71 5.38 -8.14
C1' 5CM A 1 4.74 2.50 -10.62
C2' 5CM A 1 4.86 2.55 -12.14
C3' 5CM A 1 3.97 1.40 -12.57
C4' 5CM A 1 3.95 0.47 -11.34
O4' 5CM A 1 4.78 1.10 -10.39
O3' 5CM A 1 2.65 1.89 -12.77
C5' 5CM A 1 4.43 -0.96 -11.59
O5' 5CM A 1 5.45 -1.30 -10.66
H5A1 5CM A 1 9.37 1.61 -9.22
H5A2 5CM A 1 9.61 2.64 -7.78
H5A3 5CM A 1 10.17 3.20 -9.38
H6 5CM A 1 7.15 1.59 -9.99
HN41 5CM A 1 9.64 4.96 -7.94
HN42 5CM A 1 8.54 6.36 -7.87
H1' 5CM A 1 3.76 2.87 -10.31
H2' 5CM A 1 4.56 3.50 -12.57
H2'' 5CM A 1 5.89 2.36 -12.44
H3' 5CM A 1 4.35 0.92 -13.47
H4' 5CM A 1 2.94 0.46 -10.95
H5' 5CM A 1 3.61 -1.66 -11.45
H5'' 5CM A 1 4.79 -1.12 -12.62
N1 5CM A 3 0.64 -0.46 -4.79
C2 5CM A 3 2.01 -0.42 -4.56
N3 5CM A 3 2.78 -1.48 -4.88
C4 5CM A 3 2.21 -2.57 -5.42
C5 5CM A 3 0.79 -2.64 -5.68
C5A 5CM A 3 0.15 -3.89 -6.31
C6 5CM A 3 0.06 -1.56 -5.33
O2 5CM A 3 2.49 0.62 -4.05
N4 5CM A 3 3.00 -3.60 -5.72
C1' 5CM A 3 -0.19 0.70 -4.42
C2' 5CM A 3 -0.40 1.77 -5.49
C3' 5CM A 3 -1.83 2.24 -5.23
C4' 5CM A 3 -2.50 0.96 -4.74
O4' 5CM A 3 -1.48 0.20 -4.11
O3' 5CM A 3 -1.81 3.17 -4.14
C5' 5CM A 3 -3.14 0.09 -5.83
O5' 5CM A 3 -2.35 -0.01 -7.03
P 5CM A 3 -3.11 -0.01 -8.39
OP1 5CM A 3 -4.01 -1.26 -8.43
OP2 5CM A 3 -4.01 1.24 -8.43
H5A1 5CM A 3 -0.92 -3.73 -6.42
H5A2 5CM A 3 0.59 -4.07 -7.29
H5A3 5CM A 3 0.33 -4.76 -5.67
H6 5CM A 3 -1.02 -1.57 -5.50
HN41 5CM A 3 2.59 -4.45 -6.14
HN42 5CM A 3 4.01 -3.54 -5.55
H1' 5CM A 3 0.19 1.15 -3.51
H2' 5CM A 3 0.33 2.58 -5.41
H2'' 5CM A 3 -0.32 1.33 -6.49
H3' 5CM A 3 -2.30 2.67 -6.10
H4' 5CM A 3 -3.26 1.18 -4.00
H5' 5CM A 3 -3.33 -0.92 -5.46
H5'' 5CM A 3 -4.12 0.49 -6.08
N1 5CM A 5 -2.32 -0.49 3.83
C2 5CM A 5 -1.16 -1.15 3.42
N3 5CM A 5 -1.26 -2.09 2.44
C4 5CM A 5 -2.46 -2.37 1.89
C5 5CM A 5 -3.65 -1.68 2.29
C5A 5CM A 5 -5.01 -1.99 1.64
C6 5CM A 5 -3.52 -0.76 3.28
O2 5CM A 5 -0.09 -0.87 3.96
N4 5CM A 5 -2.50 -3.28 0.94
C1' 5CM A 5 -2.21 0.53 4.89
C2' 5CM A 5 -1.61 1.85 4.41
C3' 5CM A 5 -2.22 2.87 5.34
C4' 5CM A 5 -3.56 2.26 5.73
O4' 5CM A 5 -3.50 0.88 5.39
O3' 5CM A 5 -1.45 3.00 6.53
C5' 5CM A 5 -4.72 2.89 4.97
O5' 5CM A 5 -4.66 2.51 3.60
P 5CM A 5 -4.55 3.60 2.48
OP1 5CM A 5 -5.38 4.84 2.94
OP2 5CM A 5 -3.08 4.03 2.29
H5A1 5CM A 5 -5.78 -1.35 2.09
H5A2 5CM A 5 -5.26 -3.03 1.79
H5A3 5CM A 5 -4.95 -1.78 0.57
H6 5CM A 5 -4.41 -0.22 3.62
HN41 5CM A 5 -3.40 -3.52 0.49
HN42 5CM A 5 -1.64 -3.77 0.64
H1' 5CM A 5 -1.61 0.16 5.72
H2' 5CM A 5 -0.51 1.84 4.45
H2'' 5CM A 5 -1.90 2.04 3.39
H3' 5CM A 5 -2.31 3.84 4.86
H4' 5CM A 5 -3.72 2.35 6.79
H5' 5CM A 5 -5.68 2.56 5.37
H5'' 5CM A 5 -4.68 3.98 5.08
N1 5CM A 7 -2.33 -3.32 11.02
C2 5CM A 7 -2.87 -4.15 10.05
N3 5CM A 7 -4.19 -4.03 9.74
C4 5CM A 7 -4.94 -3.11 10.39
C5 5CM A 7 -4.39 -2.24 11.38
C5A 5CM A 7 -5.26 -1.18 12.08
C6 5CM A 7 -3.08 -2.39 11.66
O2 5CM A 7 -2.14 -4.98 9.49
N4 5CM A 7 -6.23 -3.02 10.05
C1' 5CM A 7 -0.90 -3.45 11.36
C2' 5CM A 7 0.02 -2.56 10.52
C3' 5CM A 7 1.25 -2.51 11.39
C4' 5CM A 7 0.68 -2.57 12.81
O4' 5CM A 7 -0.66 -3.00 12.68
O3' 5CM A 7 2.02 -3.68 11.14
C5' 5CM A 7 0.67 -1.23 13.54
O5' 5CM A 7 -0.12 -0.28 12.81
P 5CM A 7 0.47 1.13 12.59
OP1 5CM A 7 1.07 1.64 13.92
OP2 5CM A 7 1.57 1.02 11.52
H5A1 5CM A 7 -4.64 -0.63 12.80
H5A2 5CM A 7 -6.08 -1.67 12.60
H5A3 5CM A 7 -5.66 -0.49 11.35
H6 5CM A 7 -2.63 -1.76 12.43
HN41 5CM A 7 -6.83 -2.33 10.52
HN42 5CM A 7 -6.61 -3.64 9.32
H1' 5CM A 7 -0.58 -4.49 11.29
H2' 5CM A 7 0.20 -2.97 9.53
H2'' 5CM A 7 -0.42 -1.58 10.42
H3' 5CM A 7 1.86 -1.62 11.22
H4' 5CM A 7 1.23 -3.29 13.41
H5' 5CM A 7 0.23 -1.32 14.52
H5'' 5CM A 7 1.69 -0.86 13.66
N1 5CM A 1 5.84 3.23 -9.93
C2 5CM A 1 5.62 4.55 -9.57
N3 5CM A 1 6.63 5.25 -8.96
C4 5CM A 1 7.80 4.65 -8.73
C5 5CM A 1 8.05 3.29 -9.11
C5A 5CM A 1 9.41 2.62 -8.85
C6 5CM A 1 7.03 2.62 -9.70
O2 5CM A 1 4.51 5.06 -9.80
N4 5CM A 1 8.75 5.37 -8.14
C1' 5CM A 1 4.78 2.50 -10.63
C2' 5CM A 1 4.89 2.55 -12.15
C3' 5CM A 1 4.00 1.41 -12.57
C4' 5CM A 1 3.97 0.49 -11.34
O4' 5CM A 1 4.81 1.10 -10.39
O3' 5CM A 1 2.67 1.90 -12.77
C5' 5CM A 1 4.43 -0.96 -11.59
O5' 5CM A 1 5.45 -1.29 -10.65
H5A1 5CM A 1 9.39 1.59 -9.22
H5A2 5CM A 1 9.63 2.62 -7.78
H5A3 5CM A 1 10.19 3.17 -9.38
H6 5CM A 1 7.17 1.58 -10.00
HN41 5CM A 1 9.67 4.94 -7.95
HN42 5CM A 1 8.57 6.34 -7.87
H1' 5CM A 1 3.80 2.87 -10.32
H2' 5CM A 1 4.59 3.51 -12.58
H2'' 5CM A 1 5.91 2.36 -12.46
H3' 5CM A 1 4.36 0.92 -13.47
H4' 5CM A 1 2.95 0.47 -10.95
H5' 5CM A 1 3.61 -1.65 -11.45
H5'' 5CM A 1 4.79 -1.12 -12.62
N1 5CM A 3 0.66 -0.45 -4.79
C2 5CM A 3 2.02 -0.41 -4.55
N3 5CM A 3 2.79 -1.49 -4.87
C4 5CM A 3 2.22 -2.57 -5.42
C5 5CM A 3 0.81 -2.63 -5.68
C5A 5CM A 3 0.17 -3.88 -6.32
C6 5CM A 3 0.07 -1.56 -5.34
O2 5CM A 3 2.51 0.62 -4.03
N4 5CM A 3 3.00 -3.60 -5.72
C1' 5CM A 3 -0.18 0.69 -4.41
C2' 5CM A 3 -0.37 1.78 -5.47
C3' 5CM A 3 -1.80 2.25 -5.22
C4' 5CM A 3 -2.49 0.97 -4.75
O4' 5CM A 3 -1.47 0.21 -4.13
O3' 5CM A 3 -1.79 3.17 -4.13
C5' 5CM A 3 -3.13 0.12 -5.85
O5' 5CM A 3 -2.33 0.03 -7.04
P 5CM A 3 -3.09 0.01 -8.40
OP1 5CM A 3 -3.98 -1.26 -8.43
OP2 5CM A 3 -4.03 1.25 -8.45
H5A1 5CM A 3 -0.90 -3.71 -6.44
H5A2 5CM A 3 0.61 -4.05 -7.30
H5A3 5CM A 3 0.34 -4.74 -5.69
H6 5CM A 3 -1.01 -1.56 -5.51
HN41 5CM A 3 2.59 -4.45 -6.15
HN42 5CM A 3 4.02 -3.55 -5.54
H1' 5CM A 3 0.21 1.14 -3.50
H2' 5CM A 3 0.36 2.59 -5.39
H2'' 5CM A 3 -0.28 1.35 -6.48
H3' 5CM A 3 -2.28 2.69 -6.10
H4' 5CM A 3 -3.25 1.20 -4.00
H5' 5CM A 3 -3.31 -0.89 -5.48
H5'' 5CM A 3 -4.10 0.53 -6.10
N1 5CM A 5 -2.31 -0.49 3.83
C2 5CM A 5 -1.17 -1.16 3.42
N3 5CM A 5 -1.25 -2.10 2.44
C4 5CM A 5 -2.46 -2.37 1.89
C5 5CM A 5 -3.65 -1.69 2.30
C5A 5CM A 5 -5.00 -1.99 1.64
C6 5CM A 5 -3.52 -0.76 3.28
O2 5CM A 5 -0.09 -0.87 3.96
N4 5CM A 5 -2.50 -3.29 0.93
C1' 5CM A 5 -2.21 0.53 4.88
C2' 5CM A 5 -1.60 1.84 4.42
C3' 5CM A 5 -2.22 2.87 5.34
C4' 5CM A 5 -3.56 2.26 5.72
O4' 5CM A 5 -3.49 0.88 5.39
O3' 5CM A 5 -1.44 3.00 6.52
C5' 5CM A 5 -4.73 2.88 4.97
O5' 5CM A 5 -4.66 2.51 3.59
P 5CM A 5 -4.55 3.60 2.48
OP1 5CM A 5 -5.38 4.83 2.94
OP2 5CM A 5 -3.08 4.03 2.29
H5A1 5CM A 5 -5.77 -1.36 2.09
H5A2 5CM A 5 -5.26 -3.04 1.80
H5A3 5CM A 5 -4.96 -1.78 0.58
H6 5CM A 5 -4.40 -0.22 3.62
HN41 5CM A 5 -3.40 -3.52 0.49
HN42 5CM A 5 -1.64 -3.77 0.64
H1' 5CM A 5 -1.59 0.16 5.71
H2' 5CM A 5 -0.51 1.84 4.44
H2'' 5CM A 5 -1.90 2.04 3.39
H3' 5CM A 5 -2.31 3.84 4.85
H4' 5CM A 5 -3.71 2.35 6.79
H5' 5CM A 5 -5.68 2.56 5.37
H5'' 5CM A 5 -4.68 3.97 5.07
N1 5CM A 7 -2.31 -3.31 11.03
C2 5CM A 7 -2.86 -4.15 10.06
N3 5CM A 7 -4.18 -4.03 9.75
C4 5CM A 7 -4.94 -3.12 10.38
C5 5CM A 7 -4.39 -2.24 11.38
C5A 5CM A 7 -5.26 -1.18 12.08
C6 5CM A 7 -3.08 -2.39 11.68
O2 5CM A 7 -2.12 -4.98 9.51
N4 5CM A 7 -6.22 -3.03 10.04
C1' 5CM A 7 -0.90 -3.44 11.36
C2' 5CM A 7 0.02 -2.56 10.52
C3' 5CM A 7 1.26 -2.50 11.39
C4' 5CM A 7 0.68 -2.56 12.82
O4' 5CM A 7 -0.65 -3.00 12.69
O3' 5CM A 7 2.02 -3.67 11.15
C5' 5CM A 7 0.69 -1.21 13.53
O5' 5CM A 7 -0.11 -0.27 12.81
P 5CM A 7 0.47 1.14 12.59
OP1 5CM A 7 1.08 1.65 13.91
OP2 5CM A 7 1.58 1.04 11.52
H5A1 5CM A 7 -4.65 -0.62 12.80
H5A2 5CM A 7 -6.08 -1.67 12.60
H5A3 5CM A 7 -5.66 -0.49 11.34
H6 5CM A 7 -2.62 -1.75 12.43
HN41 5CM A 7 -6.82 -2.34 10.50
HN42 5CM A 7 -6.60 -3.65 9.32
H1' 5CM A 7 -0.58 -4.49 11.31
H2' 5CM A 7 0.20 -2.97 9.54
H2'' 5CM A 7 -0.42 -1.57 10.42
H3' 5CM A 7 1.87 -1.61 11.20
H4' 5CM A 7 1.23 -3.28 13.41
H5' 5CM A 7 0.26 -1.30 14.53
H5'' 5CM A 7 1.70 -0.84 13.64
N1 5CM A 1 5.84 3.23 -9.93
C2 5CM A 1 5.62 4.55 -9.57
N3 5CM A 1 6.63 5.25 -8.96
C4 5CM A 1 7.80 4.65 -8.73
C5 5CM A 1 8.05 3.29 -9.11
C5A 5CM A 1 9.41 2.62 -8.85
C6 5CM A 1 7.03 2.62 -9.70
O2 5CM A 1 4.51 5.06 -9.80
N4 5CM A 1 8.75 5.37 -8.14
C1' 5CM A 1 4.78 2.50 -10.63
C2' 5CM A 1 4.89 2.55 -12.15
C3' 5CM A 1 4.00 1.41 -12.57
C4' 5CM A 1 3.97 0.49 -11.34
O4' 5CM A 1 4.81 1.10 -10.39
O3' 5CM A 1 2.67 1.90 -12.77
C5' 5CM A 1 4.43 -0.96 -11.59
O5' 5CM A 1 5.45 -1.29 -10.65
H5A1 5CM A 1 9.39 1.59 -9.22
H5A2 5CM A 1 9.62 2.63 -7.78
H5A3 5CM A 1 10.19 3.17 -9.38
H6 5CM A 1 7.17 1.58 -10.00
HN41 5CM A 1 9.67 4.94 -7.95
HN42 5CM A 1 8.57 6.34 -7.87
H1' 5CM A 1 3.80 2.87 -10.32
H2' 5CM A 1 4.59 3.51 -12.58
H2'' 5CM A 1 5.91 2.36 -12.46
H3' 5CM A 1 4.36 0.92 -13.47
H4' 5CM A 1 2.95 0.47 -10.95
H5' 5CM A 1 3.61 -1.65 -11.45
H5'' 5CM A 1 4.79 -1.12 -12.62
N1 5CM A 3 0.66 -0.45 -4.79
C2 5CM A 3 2.02 -0.41 -4.55
N3 5CM A 3 2.79 -1.49 -4.87
C4 5CM A 3 2.22 -2.57 -5.42
C5 5CM A 3 0.81 -2.63 -5.68
C5A 5CM A 3 0.17 -3.88 -6.32
C6 5CM A 3 0.07 -1.56 -5.34
O2 5CM A 3 2.51 0.62 -4.03
N4 5CM A 3 3.00 -3.60 -5.72
C1' 5CM A 3 -0.18 0.69 -4.41
C2' 5CM A 3 -0.37 1.78 -5.47
C3' 5CM A 3 -1.80 2.25 -5.22
C4' 5CM A 3 -2.49 0.97 -4.75
O4' 5CM A 3 -1.47 0.21 -4.13
O3' 5CM A 3 -1.79 3.17 -4.13
C5' 5CM A 3 -3.13 0.12 -5.85
O5' 5CM A 3 -2.33 0.03 -7.04
P 5CM A 3 -3.09 0.01 -8.40
OP1 5CM A 3 -3.98 -1.26 -8.43
OP2 5CM A 3 -4.03 1.25 -8.45
H5A1 5CM A 3 -0.90 -3.71 -6.44
H5A2 5CM A 3 0.61 -4.04 -7.31
H5A3 5CM A 3 0.34 -4.74 -5.69
H6 5CM A 3 -1.01 -1.56 -5.51
HN41 5CM A 3 2.59 -4.45 -6.15
HN42 5CM A 3 4.02 -3.55 -5.54
H1' 5CM A 3 0.21 1.14 -3.50
H2' 5CM A 3 0.36 2.59 -5.39
H2'' 5CM A 3 -0.29 1.35 -6.47
H3' 5CM A 3 -2.28 2.69 -6.10
H4' 5CM A 3 -3.25 1.20 -4.00
H5' 5CM A 3 -3.31 -0.89 -5.48
H5'' 5CM A 3 -4.10 0.53 -6.10
N1 5CM A 5 -2.31 -0.49 3.83
C2 5CM A 5 -1.16 -1.15 3.42
N3 5CM A 5 -1.25 -2.10 2.44
C4 5CM A 5 -2.45 -2.37 1.89
C5 5CM A 5 -3.65 -1.69 2.30
C5A 5CM A 5 -5.00 -1.99 1.64
C6 5CM A 5 -3.52 -0.76 3.28
O2 5CM A 5 -0.09 -0.87 3.96
N4 5CM A 5 -2.50 -3.29 0.93
C1' 5CM A 5 -2.21 0.53 4.88
C2' 5CM A 5 -1.60 1.84 4.42
C3' 5CM A 5 -2.22 2.87 5.34
C4' 5CM A 5 -3.56 2.26 5.72
O4' 5CM A 5 -3.49 0.88 5.39
O3' 5CM A 5 -1.44 3.00 6.52
C5' 5CM A 5 -4.73 2.88 4.97
O5' 5CM A 5 -4.66 2.51 3.59
P 5CM A 5 -4.55 3.60 2.48
OP1 5CM A 5 -5.38 4.83 2.94
OP2 5CM A 5 -3.08 4.03 2.29
H5A1 5CM A 5 -5.77 -1.36 2.09
H5A2 5CM A 5 -5.26 -3.04 1.80
H5A3 5CM A 5 -4.96 -1.78 0.58
H6 5CM A 5 -4.40 -0.22 3.62
HN41 5CM A 5 -3.41 -3.52 0.50
HN42 5CM A 5 -1.64 -3.77 0.64
H1' 5CM A 5 -1.59 0.16 5.71
H2' 5CM A 5 -0.51 1.84 4.44
H2'' 5CM A 5 -1.90 2.04 3.39
H3' 5CM A 5 -2.31 3.84 4.85
H4' 5CM A 5 -3.71 2.35 6.79
H5' 5CM A 5 -5.68 2.56 5.37
H5'' 5CM A 5 -4.68 3.97 5.07
N1 5CM A 7 -2.31 -3.31 11.03
C2 5CM A 7 -2.86 -4.15 10.06
N3 5CM A 7 -4.18 -4.03 9.75
C4 5CM A 7 -4.94 -3.12 10.38
C5 5CM A 7 -4.39 -2.24 11.38
C5A 5CM A 7 -5.26 -1.18 12.08
C6 5CM A 7 -3.08 -2.39 11.68
O2 5CM A 7 -2.12 -4.98 9.51
N4 5CM A 7 -6.22 -3.03 10.04
C1' 5CM A 7 -0.90 -3.44 11.36
C2' 5CM A 7 0.02 -2.56 10.52
C3' 5CM A 7 1.26 -2.50 11.39
C4' 5CM A 7 0.68 -2.56 12.82
O4' 5CM A 7 -0.65 -3.00 12.69
O3' 5CM A 7 2.02 -3.67 11.15
C5' 5CM A 7 0.69 -1.21 13.53
O5' 5CM A 7 -0.11 -0.27 12.81
P 5CM A 7 0.47 1.14 12.59
OP1 5CM A 7 1.08 1.65 13.91
OP2 5CM A 7 1.58 1.04 11.52
H5A1 5CM A 7 -4.65 -0.62 12.80
H5A2 5CM A 7 -6.08 -1.67 12.60
H5A3 5CM A 7 -5.66 -0.49 11.34
H6 5CM A 7 -2.62 -1.75 12.43
HN41 5CM A 7 -6.82 -2.34 10.50
HN42 5CM A 7 -6.60 -3.65 9.32
H1' 5CM A 7 -0.58 -4.49 11.31
H2' 5CM A 7 0.20 -2.97 9.54
H2'' 5CM A 7 -0.42 -1.57 10.42
H3' 5CM A 7 1.87 -1.61 11.20
H4' 5CM A 7 1.23 -3.28 13.41
H5' 5CM A 7 0.26 -1.30 14.53
H5'' 5CM A 7 1.70 -0.84 13.64
N1 5CM A 1 5.84 3.23 -9.93
C2 5CM A 1 5.62 4.55 -9.57
N3 5CM A 1 6.63 5.25 -8.96
C4 5CM A 1 7.80 4.65 -8.73
C5 5CM A 1 8.05 3.29 -9.11
C5A 5CM A 1 9.41 2.62 -8.85
C6 5CM A 1 7.03 2.62 -9.70
O2 5CM A 1 4.51 5.06 -9.80
N4 5CM A 1 8.75 5.37 -8.14
C1' 5CM A 1 4.78 2.50 -10.63
C2' 5CM A 1 4.89 2.55 -12.15
C3' 5CM A 1 4.00 1.41 -12.57
C4' 5CM A 1 3.97 0.49 -11.34
O4' 5CM A 1 4.81 1.10 -10.39
O3' 5CM A 1 2.67 1.90 -12.77
C5' 5CM A 1 4.43 -0.96 -11.59
O5' 5CM A 1 5.45 -1.29 -10.65
H5A1 5CM A 1 9.39 1.59 -9.22
H5A2 5CM A 1 9.63 2.62 -7.78
H5A3 5CM A 1 10.19 3.17 -9.38
H6 5CM A 1 7.17 1.58 -10.00
HN41 5CM A 1 9.67 4.94 -7.95
HN42 5CM A 1 8.57 6.34 -7.87
H1' 5CM A 1 3.80 2.87 -10.32
H2' 5CM A 1 4.59 3.51 -12.58
H2'' 5CM A 1 5.91 2.36 -12.46
H3' 5CM A 1 4.36 0.92 -13.47
H4' 5CM A 1 2.95 0.47 -10.95
H5' 5CM A 1 3.61 -1.65 -11.45
H5'' 5CM A 1 4.79 -1.12 -12.62
N1 5CM A 3 0.66 -0.45 -4.79
C2 5CM A 3 2.02 -0.41 -4.55
N3 5CM A 3 2.79 -1.49 -4.87
C4 5CM A 3 2.22 -2.57 -5.42
C5 5CM A 3 0.81 -2.63 -5.68
C5A 5CM A 3 0.17 -3.88 -6.32
C6 5CM A 3 0.07 -1.56 -5.34
O2 5CM A 3 2.51 0.62 -4.03
N4 5CM A 3 3.00 -3.60 -5.72
C1' 5CM A 3 -0.18 0.69 -4.41
C2' 5CM A 3 -0.37 1.78 -5.47
C3' 5CM A 3 -1.80 2.25 -5.22
C4' 5CM A 3 -2.49 0.97 -4.75
O4' 5CM A 3 -1.47 0.21 -4.13
O3' 5CM A 3 -1.79 3.17 -4.13
C5' 5CM A 3 -3.13 0.12 -5.85
O5' 5CM A 3 -2.33 0.03 -7.04
P 5CM A 3 -3.09 0.01 -8.40
OP1 5CM A 3 -3.98 -1.26 -8.43
OP2 5CM A 3 -4.03 1.25 -8.45
H5A1 5CM A 3 -0.90 -3.71 -6.44
H5A2 5CM A 3 0.61 -4.05 -7.30
H5A3 5CM A 3 0.34 -4.74 -5.69
H6 5CM A 3 -1.01 -1.56 -5.51
HN41 5CM A 3 2.59 -4.45 -6.15
HN42 5CM A 3 4.02 -3.55 -5.54
H1' 5CM A 3 0.21 1.14 -3.50
H2' 5CM A 3 0.36 2.59 -5.39
H2'' 5CM A 3 -0.29 1.35 -6.47
H3' 5CM A 3 -2.28 2.69 -6.10
H4' 5CM A 3 -3.25 1.20 -4.00
H5' 5CM A 3 -3.31 -0.89 -5.48
H5'' 5CM A 3 -4.10 0.53 -6.10
N1 5CM A 5 -2.31 -0.49 3.83
C2 5CM A 5 -1.16 -1.15 3.42
N3 5CM A 5 -1.25 -2.10 2.44
C4 5CM A 5 -2.45 -2.37 1.89
C5 5CM A 5 -3.64 -1.68 2.29
C5A 5CM A 5 -5.00 -1.99 1.64
C6 5CM A 5 -3.52 -0.76 3.28
O2 5CM A 5 -0.09 -0.87 3.96
N4 5CM A 5 -2.50 -3.29 0.93
C1' 5CM A 5 -2.21 0.53 4.88
C2' 5CM A 5 -1.60 1.84 4.42
C3' 5CM A 5 -2.22 2.87 5.34
C4' 5CM A 5 -3.56 2.26 5.72
O4' 5CM A 5 -3.49 0.88 5.39
O3' 5CM A 5 -1.44 3.00 6.52
C5' 5CM A 5 -4.73 2.88 4.97
O5' 5CM A 5 -4.66 2.51 3.59
P 5CM A 5 -4.55 3.60 2.48
OP1 5CM A 5 -5.38 4.83 2.94
OP2 5CM A 5 -3.08 4.03 2.29
H5A1 5CM A 5 -5.77 -1.36 2.09
H5A2 5CM A 5 -5.26 -3.04 1.80
H5A3 5CM A 5 -4.95 -1.78 0.57
H6 5CM A 5 -4.40 -0.22 3.62
HN41 5CM A 5 -3.40 -3.52 0.49
HN42 5CM A 5 -1.64 -3.77 0.64
H1' 5CM A 5 -1.59 0.16 5.71
H2' 5CM A 5 -0.51 1.84 4.44
H2'' 5CM A 5 -1.90 2.04 3.39
H3' 5CM A 5 -2.31 3.84 4.85
H4' 5CM A 5 -3.71 2.35 6.79
H5' 5CM A 5 -5.68 2.56 5.37
H5'' 5CM A 5 -4.68 3.97 5.07
N1 5CM A 7 -2.31 -3.31 11.03
C2 5CM A 7 -2.86 -4.15 10.06
N3 5CM A 7 -4.18 -4.03 9.75
C4 5CM A 7 -4.94 -3.12 10.38
C5 5CM A 7 -4.39 -2.24 11.38
C5A 5CM A 7 -5.26 -1.18 12.08
C6 5CM A 7 -3.08 -2.39 11.68
O2 5CM A 7 -2.12 -4.98 9.51
N4 5CM A 7 -6.22 -3.03 10.04
C1' 5CM A 7 -0.90 -3.44 11.36
C2' 5CM A 7 0.02 -2.56 10.52
C3' 5CM A 7 1.26 -2.50 11.39
C4' 5CM A 7 0.68 -2.56 12.82
O4' 5CM A 7 -0.65 -3.00 12.69
O3' 5CM A 7 2.02 -3.67 11.15
C5' 5CM A 7 0.69 -1.21 13.53
O5' 5CM A 7 -0.11 -0.27 12.81
P 5CM A 7 0.47 1.14 12.59
OP1 5CM A 7 1.08 1.65 13.91
OP2 5CM A 7 1.58 1.04 11.52
H5A1 5CM A 7 -4.65 -0.62 12.80
H5A2 5CM A 7 -6.08 -1.67 12.60
H5A3 5CM A 7 -5.66 -0.49 11.34
H6 5CM A 7 -2.62 -1.75 12.43
HN41 5CM A 7 -6.82 -2.34 10.50
HN42 5CM A 7 -6.60 -3.65 9.32
H1' 5CM A 7 -0.58 -4.49 11.31
H2' 5CM A 7 0.20 -2.97 9.54
H2'' 5CM A 7 -0.42 -1.57 10.42
H3' 5CM A 7 1.87 -1.61 11.20
H4' 5CM A 7 1.23 -3.28 13.41
H5' 5CM A 7 0.26 -1.30 14.53
H5'' 5CM A 7 1.70 -0.84 13.64
#